data_5VUA
#
_entry.id   5VUA
#
_cell.length_a   98.140
_cell.length_b   98.140
_cell.length_c   80.510
_cell.angle_alpha   90.000
_cell.angle_beta   90.000
_cell.angle_gamma   120.000
#
_symmetry.space_group_name_H-M   'P 65'
#
loop_
_entity.id
_entity.type
_entity.pdbx_description
1 polymer 'Serine/threonine-protein kinase pim-1'
2 non-polymer GLYCEROL
3 non-polymer 'PHOSPHATE ION'
4 non-polymer (2Z)-6-methoxy-7-(piperazin-1-ylmethyl)-2-(1H-pyrrolo[2,3-c]pyridin-3-ylmethylidene)-1-benzofuran-3-one
5 water water
#
_entity_poly.entity_id   1
_entity_poly.type   'polypeptide(L)'
_entity_poly.pdbx_seq_one_letter_code
;MKEKEPLESQYQVGPLLGSGGFGSVYSGIRVSDNLPVAIKHVEKDRISDWGELPNGTRVPMEVVLLKKVSSGFSGVIRLL
DWFERPDSFVLILERPEPVQDLFDFITERGALQEELARSFFWQVLEAVRHCHNCGVLHRDIKDENILIDLNRGELKLIDF
GSGALLKDTVYTDFDGTRVYSPPEWIRYHRYHGRSAAVWSLGILLYDMVCGDIPFEHDEEIIRGQVFFRQRVSSECQHLI
RWCLALRPSDRPTFEEIQNHPWMQDVLLPQETAEIHLHSLSPGPSKSGPSSGENLYFQ
;
_entity_poly.pdbx_strand_id   B
#
loop_
_chem_comp.id
_chem_comp.type
_chem_comp.name
_chem_comp.formula
8GX non-polymer (2Z)-6-methoxy-7-(piperazin-1-ylmethyl)-2-(1H-pyrrolo[2,3-c]pyridin-3-ylmethylidene)-1-benzofuran-3-one 'C22 H22 N4 O3'
GOL non-polymer GLYCEROL 'C3 H8 O3'
PO4 non-polymer 'PHOSPHATE ION' 'O4 P -3'
#
# COMPACT_ATOMS: atom_id res chain seq x y z
N SER A 9 -4.86 -28.08 -8.95
CA SER A 9 -3.95 -28.88 -9.76
C SER A 9 -2.48 -28.53 -9.51
N GLN A 10 -2.08 -27.33 -9.93
CA GLN A 10 -0.71 -26.86 -9.75
C GLN A 10 -0.53 -26.20 -8.38
N TYR A 11 -1.64 -25.92 -7.71
CA TYR A 11 -1.60 -25.34 -6.37
C TYR A 11 -2.54 -26.08 -5.44
N GLN A 12 -2.12 -26.25 -4.18
CA GLN A 12 -2.99 -26.77 -3.15
C GLN A 12 -3.67 -25.60 -2.44
N VAL A 13 -4.98 -25.45 -2.64
CA VAL A 13 -5.70 -24.32 -2.06
C VAL A 13 -5.91 -24.53 -0.56
N GLY A 14 -5.63 -23.48 0.21
CA GLY A 14 -5.86 -23.51 1.64
C GLY A 14 -7.02 -22.61 2.02
N PRO A 15 -6.99 -22.06 3.24
CA PRO A 15 -8.08 -21.25 3.78
C PRO A 15 -8.22 -19.87 3.13
N LEU A 16 -9.46 -19.37 3.12
CA LEU A 16 -9.75 -18.02 2.65
C LEU A 16 -9.06 -16.97 3.52
N LEU A 17 -8.40 -16.01 2.88
CA LEU A 17 -7.68 -14.96 3.60
C LEU A 17 -8.50 -13.68 3.70
N GLY A 18 -9.41 -13.49 2.75
CA GLY A 18 -10.28 -12.33 2.75
C GLY A 18 -11.06 -12.27 1.45
N SER A 19 -12.13 -11.47 1.43
CA SER A 19 -12.92 -11.31 0.23
C SER A 19 -13.64 -9.96 0.19
N GLY A 20 -14.16 -9.62 -0.98
CA GLY A 20 -14.95 -8.41 -1.20
C GLY A 20 -15.78 -8.59 -2.46
N GLY A 21 -16.27 -7.49 -3.02
CA GLY A 21 -17.01 -7.56 -4.27
C GLY A 21 -16.12 -7.79 -5.47
N PHE A 22 -14.85 -7.43 -5.33
CA PHE A 22 -13.85 -7.67 -6.36
C PHE A 22 -13.63 -9.17 -6.58
N GLY A 23 -13.70 -9.93 -5.49
CA GLY A 23 -13.34 -11.34 -5.51
C GLY A 23 -12.82 -11.84 -4.17
N SER A 24 -11.98 -12.87 -4.20
CA SER A 24 -11.59 -13.58 -2.98
C SER A 24 -10.12 -14.01 -3.03
N VAL A 25 -9.48 -14.02 -1.86
CA VAL A 25 -8.06 -14.38 -1.76
C VAL A 25 -7.87 -15.56 -0.83
N TYR A 26 -7.16 -16.59 -1.30
CA TYR A 26 -6.91 -17.80 -0.52
C TYR A 26 -5.42 -17.98 -0.25
N SER A 27 -5.09 -18.59 0.88
CA SER A 27 -3.72 -19.06 1.10
C SER A 27 -3.56 -20.30 0.24
N GLY A 28 -2.34 -20.58 -0.20
CA GLY A 28 -2.08 -21.71 -1.06
C GLY A 28 -0.63 -22.15 -1.06
N ILE A 29 -0.37 -23.28 -1.72
CA ILE A 29 0.97 -23.84 -1.79
C ILE A 29 1.23 -24.34 -3.19
N ARG A 30 2.33 -23.91 -3.79
CA ARG A 30 2.71 -24.43 -5.10
C ARG A 30 3.25 -25.85 -4.93
N VAL A 31 2.63 -26.81 -5.63
CA VAL A 31 2.99 -28.21 -5.48
C VAL A 31 4.44 -28.50 -5.87
N SER A 32 4.92 -27.82 -6.90
CA SER A 32 6.25 -28.07 -7.46
C SER A 32 7.43 -27.79 -6.52
N ASP A 33 7.21 -26.97 -5.48
CA ASP A 33 8.30 -26.59 -4.58
C ASP A 33 7.85 -26.25 -3.16
N ASN A 34 6.55 -26.41 -2.88
CA ASN A 34 5.97 -26.03 -1.58
C ASN A 34 6.13 -24.55 -1.22
N LEU A 35 6.33 -23.71 -2.23
CA LEU A 35 6.40 -22.26 -2.03
C LEU A 35 5.03 -21.74 -1.63
N PRO A 36 4.98 -20.98 -0.52
CA PRO A 36 3.73 -20.34 -0.09
C PRO A 36 3.28 -19.31 -1.13
N VAL A 37 2.00 -19.31 -1.45
CA VAL A 37 1.45 -18.33 -2.38
C VAL A 37 0.11 -17.81 -1.87
N ALA A 38 -0.36 -16.73 -2.49
CA ALA A 38 -1.73 -16.27 -2.26
C ALA A 38 -2.43 -16.40 -3.60
N ILE A 39 -3.69 -16.80 -3.56
CA ILE A 39 -4.45 -17.03 -4.78
C ILE A 39 -5.63 -16.09 -4.83
N LYS A 40 -5.58 -15.14 -5.76
CA LYS A 40 -6.58 -14.08 -5.82
C LYS A 40 -7.53 -14.26 -7.01
N HIS A 41 -8.81 -14.47 -6.70
CA HIS A 41 -9.81 -14.62 -7.73
C HIS A 41 -10.48 -13.28 -7.94
N VAL A 42 -10.48 -12.82 -9.19
CA VAL A 42 -11.06 -11.52 -9.53
C VAL A 42 -12.22 -11.72 -10.51
N GLU A 43 -13.42 -11.35 -10.07
CA GLU A 43 -14.62 -11.42 -10.91
C GLU A 43 -14.53 -10.46 -12.10
N LYS A 44 -14.81 -10.98 -13.30
CA LYS A 44 -14.73 -10.18 -14.53
C LYS A 44 -15.68 -9.00 -14.55
N ASP A 45 -16.92 -9.21 -14.12
CA ASP A 45 -17.93 -8.17 -14.22
C ASP A 45 -17.78 -7.09 -13.14
N ARG A 46 -16.74 -7.24 -12.31
CA ARG A 46 -16.47 -6.26 -11.26
C ARG A 46 -15.14 -5.55 -11.50
N ILE A 47 -14.49 -5.89 -12.60
CA ILE A 47 -13.29 -5.18 -13.04
C ILE A 47 -13.71 -3.86 -13.69
N SER A 48 -13.39 -2.75 -13.04
CA SER A 48 -13.65 -1.44 -13.61
C SER A 48 -12.67 -1.14 -14.73
N ASP A 49 -11.38 -1.28 -14.42
CA ASP A 49 -10.32 -0.90 -15.34
C ASP A 49 -9.61 -2.10 -15.99
N TRP A 50 -9.75 -2.20 -17.30
CA TRP A 50 -9.05 -3.23 -18.06
C TRP A 50 -7.77 -2.68 -18.68
N GLY A 51 -6.75 -3.51 -18.77
CA GLY A 51 -5.52 -3.13 -19.43
C GLY A 51 -5.21 -4.12 -20.54
N GLU A 52 -4.07 -3.93 -21.18
CA GLU A 52 -3.63 -4.84 -22.23
C GLU A 52 -2.19 -5.27 -22.02
N LEU A 53 -1.93 -6.52 -22.32
CA LEU A 53 -0.58 -6.99 -22.40
C LEU A 53 -0.09 -6.68 -23.81
N PRO A 54 1.29 -6.81 -24.01
CA PRO A 54 1.70 -6.68 -25.42
C PRO A 54 0.84 -7.49 -26.40
N ASN A 55 0.95 -8.79 -26.38
CA ASN A 55 0.06 -9.67 -27.13
C ASN A 55 -1.38 -9.19 -27.37
N GLY A 56 -1.80 -8.10 -26.73
CA GLY A 56 -3.14 -7.59 -26.95
C GLY A 56 -4.26 -8.12 -26.06
N THR A 57 -4.02 -9.21 -25.36
CA THR A 57 -4.96 -9.75 -24.39
C THR A 57 -5.48 -8.74 -23.38
N ARG A 58 -6.79 -8.56 -23.26
CA ARG A 58 -7.37 -7.82 -22.15
C ARG A 58 -7.20 -8.56 -20.83
N VAL A 59 -6.73 -7.85 -19.81
CA VAL A 59 -6.52 -8.41 -18.48
C VAL A 59 -6.97 -7.37 -17.47
N PRO A 60 -7.09 -7.76 -16.18
CA PRO A 60 -7.30 -6.70 -15.19
C PRO A 60 -6.10 -5.78 -15.16
N MET A 61 -6.32 -4.49 -14.91
CA MET A 61 -5.23 -3.51 -14.82
C MET A 61 -4.20 -3.96 -13.79
N GLU A 62 -4.68 -4.59 -12.72
CA GLU A 62 -3.79 -5.06 -11.65
C GLU A 62 -2.70 -5.97 -12.19
N VAL A 63 -3.05 -6.78 -13.19
CA VAL A 63 -2.06 -7.66 -13.82
C VAL A 63 -0.99 -6.84 -14.54
N VAL A 64 -1.43 -5.86 -15.33
CA VAL A 64 -0.50 -4.95 -16.02
C VAL A 64 0.43 -4.27 -15.02
N LEU A 65 -0.16 -3.68 -13.99
CA LEU A 65 0.60 -2.96 -12.97
C LEU A 65 1.59 -3.86 -12.27
N LEU A 66 1.14 -5.04 -11.86
CA LEU A 66 1.98 -5.98 -11.13
C LEU A 66 3.17 -6.43 -11.98
N LYS A 67 2.93 -6.66 -13.27
CA LYS A 67 4.02 -7.04 -14.16
C LYS A 67 5.06 -5.92 -14.26
N LYS A 68 4.59 -4.67 -14.28
CA LYS A 68 5.49 -3.52 -14.36
C LYS A 68 6.39 -3.38 -13.12
N VAL A 69 5.90 -3.81 -11.97
CA VAL A 69 6.66 -3.69 -10.72
C VAL A 69 7.27 -4.99 -10.20
N SER A 70 6.81 -6.14 -10.70
CA SER A 70 7.30 -7.43 -10.20
C SER A 70 8.69 -7.79 -10.72
N SER A 71 9.30 -6.86 -11.46
CA SER A 71 10.69 -7.05 -11.89
C SER A 71 11.64 -6.85 -10.71
N GLY A 72 12.50 -7.85 -10.47
CA GLY A 72 13.52 -7.77 -9.45
C GLY A 72 13.00 -7.84 -8.02
N PHE A 73 13.85 -7.49 -7.07
CA PHE A 73 13.48 -7.42 -5.66
C PHE A 73 12.86 -6.07 -5.33
N SER A 74 11.92 -6.06 -4.40
CA SER A 74 11.32 -4.83 -3.90
C SER A 74 10.42 -5.10 -2.68
N GLY A 75 9.88 -4.03 -2.11
CA GLY A 75 8.89 -4.15 -1.06
C GLY A 75 7.50 -4.18 -1.67
N VAL A 76 7.40 -4.71 -2.89
CA VAL A 76 6.12 -4.95 -3.53
C VAL A 76 5.92 -6.45 -3.71
N ILE A 77 4.76 -6.96 -3.30
CA ILE A 77 4.46 -8.39 -3.49
C ILE A 77 4.45 -8.71 -4.98
N ARG A 78 5.13 -9.79 -5.35
CA ARG A 78 5.32 -10.13 -6.76
C ARG A 78 4.22 -11.04 -7.31
N LEU A 79 3.80 -10.73 -8.53
CA LEU A 79 2.93 -11.62 -9.30
C LEU A 79 3.76 -12.76 -9.87
N LEU A 80 3.41 -13.99 -9.51
CA LEU A 80 4.18 -15.17 -9.95
C LEU A 80 3.59 -15.75 -11.23
N ASP A 81 2.27 -15.72 -11.33
CA ASP A 81 1.58 -16.26 -12.48
C ASP A 81 0.14 -15.78 -12.44
N TRP A 82 -0.59 -15.97 -13.53
CA TRP A 82 -2.01 -15.65 -13.57
C TRP A 82 -2.71 -16.52 -14.62
N PHE A 83 -4.01 -16.65 -14.46
CA PHE A 83 -4.80 -17.53 -15.33
C PHE A 83 -6.12 -16.84 -15.67
N GLU A 84 -6.65 -17.14 -16.84
CA GLU A 84 -7.98 -16.65 -17.18
C GLU A 84 -9.01 -17.78 -17.10
N ARG A 85 -10.20 -17.45 -16.58
CA ARG A 85 -11.33 -18.37 -16.53
C ARG A 85 -12.49 -17.70 -17.25
N PRO A 86 -13.54 -18.47 -17.55
CA PRO A 86 -14.70 -17.87 -18.23
C PRO A 86 -15.21 -16.60 -17.56
N ASP A 87 -15.34 -16.59 -16.24
CA ASP A 87 -15.93 -15.44 -15.56
C ASP A 87 -15.00 -14.73 -14.56
N SER A 88 -13.73 -15.16 -14.52
CA SER A 88 -12.79 -14.58 -13.56
C SER A 88 -11.35 -14.63 -14.03
N PHE A 89 -10.49 -13.92 -13.32
CA PHE A 89 -9.05 -14.12 -13.45
C PHE A 89 -8.53 -14.64 -12.13
N VAL A 90 -7.48 -15.45 -12.18
CA VAL A 90 -6.87 -15.98 -10.97
C VAL A 90 -5.42 -15.52 -10.95
N LEU A 91 -5.03 -14.84 -9.87
CA LEU A 91 -3.66 -14.34 -9.75
C LEU A 91 -2.91 -15.12 -8.69
N ILE A 92 -1.70 -15.56 -9.03
CA ILE A 92 -0.86 -16.27 -8.08
C ILE A 92 0.16 -15.28 -7.54
N LEU A 93 0.10 -15.01 -6.25
CA LEU A 93 0.94 -13.98 -5.68
C LEU A 93 1.87 -14.55 -4.62
N GLU A 94 3.02 -13.90 -4.52
CA GLU A 94 4.00 -14.16 -3.48
CA GLU A 94 3.99 -14.21 -3.48
C GLU A 94 3.33 -14.13 -2.11
N ARG A 95 3.71 -15.04 -1.22
CA ARG A 95 3.20 -15.02 0.16
C ARG A 95 4.29 -15.29 1.18
N PRO A 96 4.72 -14.24 1.90
CA PRO A 96 5.70 -14.44 2.97
C PRO A 96 5.04 -15.13 4.16
N GLU A 97 5.84 -15.73 5.03
CA GLU A 97 5.30 -16.50 6.15
C GLU A 97 6.39 -16.62 7.20
N PRO A 98 6.05 -16.28 8.47
CA PRO A 98 4.75 -15.76 8.88
C PRO A 98 4.57 -14.28 8.55
N VAL A 99 3.34 -13.86 8.26
CA VAL A 99 3.01 -12.45 8.06
C VAL A 99 1.83 -12.00 8.89
N GLN A 100 1.74 -10.69 9.07
CA GLN A 100 0.56 -10.04 9.62
C GLN A 100 0.41 -8.71 8.88
N ASP A 101 -0.81 -8.32 8.52
CA ASP A 101 -0.96 -7.02 7.88
C ASP A 101 -0.79 -5.91 8.91
N LEU A 102 -0.49 -4.69 8.46
CA LEU A 102 -0.20 -3.59 9.38
C LEU A 102 -1.43 -3.19 10.21
N PHE A 103 -2.61 -3.32 9.63
CA PHE A 103 -3.85 -3.02 10.35
C PHE A 103 -3.99 -3.90 11.60
N ASP A 104 -3.86 -5.21 11.42
CA ASP A 104 -3.94 -6.14 12.54
C ASP A 104 -2.82 -5.90 13.53
N PHE A 105 -1.63 -5.59 13.02
CA PHE A 105 -0.47 -5.33 13.86
C PHE A 105 -0.72 -4.15 14.80
N ILE A 106 -1.20 -3.04 14.23
CA ILE A 106 -1.50 -1.85 15.02
C ILE A 106 -2.66 -2.11 15.99
N THR A 107 -3.66 -2.84 15.52
CA THR A 107 -4.77 -3.24 16.38
C THR A 107 -4.30 -3.99 17.63
N GLU A 108 -3.42 -4.97 17.45
CA GLU A 108 -2.95 -5.76 18.58
C GLU A 108 -2.02 -4.97 19.51
N ARG A 109 -1.17 -4.13 18.93
CA ARG A 109 -0.12 -3.51 19.73
C ARG A 109 -0.32 -2.02 20.01
N GLY A 110 -1.37 -1.43 19.44
CA GLY A 110 -1.63 -0.01 19.64
C GLY A 110 -0.65 0.87 18.89
N ALA A 111 -0.59 2.15 19.24
CA ALA A 111 0.33 3.10 18.60
C ALA A 111 1.77 2.59 18.66
N LEU A 112 2.49 2.74 17.55
CA LEU A 112 3.86 2.20 17.45
C LEU A 112 4.88 3.20 17.98
N GLN A 113 5.94 2.69 18.61
CA GLN A 113 7.09 3.52 18.93
C GLN A 113 7.59 4.17 17.65
N GLU A 114 8.09 5.40 17.75
CA GLU A 114 8.52 6.13 16.57
C GLU A 114 9.64 5.45 15.79
N GLU A 115 10.54 4.78 16.51
CA GLU A 115 11.65 4.06 15.88
C GLU A 115 11.10 2.97 14.97
N LEU A 116 10.04 2.31 15.44
CA LEU A 116 9.41 1.26 14.67
C LEU A 116 8.62 1.87 13.52
N ALA A 117 7.87 2.92 13.83
CA ALA A 117 7.11 3.63 12.80
C ALA A 117 8.04 4.15 11.71
N ARG A 118 9.21 4.65 12.11
CA ARG A 118 10.19 5.18 11.16
C ARG A 118 10.67 4.09 10.20
N SER A 119 10.93 2.90 10.72
CA SER A 119 11.40 1.79 9.90
C SER A 119 10.34 1.35 8.90
N PHE A 120 9.12 1.16 9.39
CA PHE A 120 7.99 0.75 8.56
C PHE A 120 7.68 1.80 7.48
N PHE A 121 7.58 3.06 7.90
CA PHE A 121 7.26 4.14 6.99
C PHE A 121 8.31 4.26 5.89
N TRP A 122 9.58 4.17 6.26
CA TRP A 122 10.68 4.21 5.31
C TRP A 122 10.54 3.12 4.24
N GLN A 123 10.25 1.89 4.68
CA GLN A 123 10.08 0.79 3.72
C GLN A 123 8.89 1.01 2.79
N VAL A 124 7.81 1.56 3.33
CA VAL A 124 6.65 1.85 2.50
C VAL A 124 7.03 2.90 1.44
N LEU A 125 7.73 3.94 1.88
CA LEU A 125 8.22 4.97 0.98
CA LEU A 125 8.19 4.97 0.95
C LEU A 125 9.03 4.36 -0.17
N GLU A 126 9.96 3.47 0.19
CA GLU A 126 10.82 2.83 -0.81
C GLU A 126 10.00 1.98 -1.78
N ALA A 127 8.97 1.33 -1.26
CA ALA A 127 8.07 0.53 -2.09
C ALA A 127 7.26 1.41 -3.05
N VAL A 128 6.74 2.53 -2.54
CA VAL A 128 5.94 3.43 -3.35
C VAL A 128 6.82 4.11 -4.41
N ARG A 129 8.04 4.47 -4.02
CA ARG A 129 9.00 5.04 -4.97
C ARG A 129 9.27 4.07 -6.11
N HIS A 130 9.44 2.79 -5.79
CA HIS A 130 9.66 1.75 -6.78
C HIS A 130 8.49 1.70 -7.75
N CYS A 131 7.27 1.73 -7.23
CA CYS A 131 6.08 1.76 -8.08
C CYS A 131 6.10 2.93 -9.07
N HIS A 132 6.34 4.14 -8.54
CA HIS A 132 6.30 5.34 -9.37
C HIS A 132 7.38 5.29 -10.44
N ASN A 133 8.57 4.81 -10.07
CA ASN A 133 9.68 4.64 -11.01
CA ASN A 133 9.66 4.65 -11.02
C ASN A 133 9.33 3.64 -12.12
N CYS A 134 8.43 2.72 -11.83
CA CYS A 134 8.00 1.73 -12.81
C CYS A 134 6.75 2.17 -13.54
N GLY A 135 6.33 3.41 -13.30
CA GLY A 135 5.16 3.96 -13.97
C GLY A 135 3.84 3.51 -13.36
N VAL A 136 3.87 3.11 -12.10
CA VAL A 136 2.67 2.59 -11.43
C VAL A 136 2.24 3.44 -10.24
N LEU A 137 0.96 3.79 -10.20
CA LEU A 137 0.36 4.48 -9.07
C LEU A 137 -0.56 3.50 -8.33
N HIS A 138 -0.31 3.28 -7.04
CA HIS A 138 -1.07 2.29 -6.27
C HIS A 138 -2.52 2.73 -5.95
N ARG A 139 -2.68 3.96 -5.48
CA ARG A 139 -4.00 4.56 -5.22
C ARG A 139 -4.80 4.03 -4.02
N ASP A 140 -4.24 3.09 -3.27
CA ASP A 140 -4.93 2.61 -2.06
C ASP A 140 -3.94 2.25 -0.95
N ILE A 141 -2.94 3.11 -0.76
CA ILE A 141 -1.97 2.90 0.31
C ILE A 141 -2.64 3.02 1.66
N LYS A 142 -2.56 1.99 2.48
CA LYS A 142 -3.14 1.97 3.83
C LYS A 142 -2.65 0.75 4.61
N ASP A 143 -2.89 0.73 5.91
CA ASP A 143 -2.39 -0.35 6.77
C ASP A 143 -2.81 -1.75 6.32
N GLU A 144 -4.04 -1.89 5.82
CA GLU A 144 -4.53 -3.21 5.37
C GLU A 144 -3.79 -3.72 4.14
N ASN A 145 -3.23 -2.81 3.34
CA ASN A 145 -2.53 -3.21 2.13
C ASN A 145 -1.03 -3.30 2.31
N ILE A 146 -0.61 -3.45 3.56
CA ILE A 146 0.80 -3.59 3.89
C ILE A 146 1.03 -4.86 4.73
N LEU A 147 1.85 -5.77 4.22
CA LEU A 147 2.14 -7.01 4.92
C LEU A 147 3.48 -6.90 5.60
N ILE A 148 3.55 -7.39 6.83
CA ILE A 148 4.82 -7.41 7.56
C ILE A 148 5.36 -8.84 7.59
N ASP A 149 6.56 -9.03 7.04
CA ASP A 149 7.27 -10.29 7.18
C ASP A 149 7.85 -10.27 8.59
N LEU A 150 7.21 -11.00 9.50
CA LEU A 150 7.53 -10.91 10.92
C LEU A 150 8.94 -11.41 11.30
N ASN A 151 9.50 -12.32 10.51
CA ASN A 151 10.86 -12.82 10.74
C ASN A 151 11.94 -11.85 10.27
N ARG A 152 11.76 -11.32 9.06
CA ARG A 152 12.79 -10.48 8.43
C ARG A 152 12.59 -8.98 8.68
N GLY A 153 11.42 -8.60 9.19
CA GLY A 153 11.11 -7.20 9.41
C GLY A 153 10.94 -6.39 8.12
N GLU A 154 10.56 -7.07 7.05
CA GLU A 154 10.35 -6.42 5.76
C GLU A 154 8.88 -6.24 5.47
N LEU A 155 8.54 -5.08 4.90
CA LEU A 155 7.15 -4.76 4.56
C LEU A 155 6.90 -4.96 3.07
N LYS A 156 5.70 -5.39 2.73
CA LYS A 156 5.31 -5.65 1.34
C LYS A 156 3.99 -4.97 0.99
N LEU A 157 3.96 -4.28 -0.14
CA LEU A 157 2.74 -3.61 -0.60
C LEU A 157 1.90 -4.61 -1.39
N ILE A 158 0.59 -4.64 -1.14
CA ILE A 158 -0.28 -5.54 -1.88
C ILE A 158 -1.51 -4.83 -2.42
N ASP A 159 -2.24 -5.53 -3.28
CA ASP A 159 -3.51 -5.07 -3.83
C ASP A 159 -3.39 -3.84 -4.73
N PHE A 160 -3.09 -4.09 -6.00
CA PHE A 160 -3.04 -3.03 -6.99
C PHE A 160 -4.33 -2.98 -7.78
N GLY A 161 -5.41 -3.45 -7.16
CA GLY A 161 -6.71 -3.52 -7.82
C GLY A 161 -7.40 -2.19 -7.99
N SER A 162 -6.87 -1.14 -7.37
CA SER A 162 -7.41 0.21 -7.52
C SER A 162 -6.39 1.11 -8.20
N GLY A 163 -5.28 0.53 -8.62
CA GLY A 163 -4.17 1.29 -9.15
C GLY A 163 -4.35 1.78 -10.57
N ALA A 164 -3.33 2.44 -11.11
CA ALA A 164 -3.38 2.94 -12.48
C ALA A 164 -1.97 3.21 -12.97
N LEU A 165 -1.84 3.36 -14.28
CA LEU A 165 -0.59 3.81 -14.85
C LEU A 165 -0.35 5.20 -14.30
N LEU A 166 0.88 5.50 -13.90
CA LEU A 166 1.22 6.84 -13.45
C LEU A 166 1.18 7.79 -14.64
N LYS A 167 0.60 8.97 -14.44
CA LYS A 167 0.62 10.04 -15.45
C LYS A 167 0.78 11.38 -14.74
N ASP A 168 1.09 12.41 -15.52
CA ASP A 168 1.33 13.75 -14.97
C ASP A 168 0.09 14.62 -14.98
N THR A 169 -0.99 14.12 -15.56
CA THR A 169 -2.24 14.86 -15.68
C THR A 169 -3.26 14.40 -14.62
N VAL A 170 -4.41 15.05 -14.58
CA VAL A 170 -5.39 14.82 -13.51
C VAL A 170 -6.13 13.48 -13.62
N TYR A 171 -6.37 12.85 -12.47
CA TYR A 171 -7.21 11.66 -12.39
C TYR A 171 -8.62 12.08 -11.97
N THR A 172 -9.64 11.47 -12.56
CA THR A 172 -11.01 11.82 -12.24
C THR A 172 -11.79 10.61 -11.73
N ASP A 173 -11.12 9.47 -11.68
CA ASP A 173 -11.68 8.25 -11.09
C ASP A 173 -10.92 7.89 -9.82
N PHE A 174 -11.63 7.31 -8.86
CA PHE A 174 -11.01 6.85 -7.63
C PHE A 174 -11.89 5.80 -6.95
N ASP A 175 -11.32 4.62 -6.72
CA ASP A 175 -12.04 3.57 -6.00
C ASP A 175 -11.14 2.99 -4.91
N GLY A 176 -10.30 3.84 -4.32
CA GLY A 176 -9.51 3.45 -3.17
C GLY A 176 -10.31 3.68 -1.91
N THR A 177 -9.61 3.85 -0.79
CA THR A 177 -10.27 4.01 0.51
C THR A 177 -10.50 5.49 0.85
N ARG A 178 -11.76 5.85 1.09
CA ARG A 178 -12.14 7.26 1.25
C ARG A 178 -11.37 8.03 2.33
N VAL A 179 -11.27 7.44 3.52
CA VAL A 179 -10.64 8.11 4.65
C VAL A 179 -9.14 8.34 4.45
N TYR A 180 -8.57 7.70 3.42
CA TYR A 180 -7.18 7.92 3.03
C TYR A 180 -7.09 8.81 1.78
N SER A 181 -8.25 9.23 1.27
CA SER A 181 -8.31 10.07 0.06
C SER A 181 -8.17 11.55 0.40
N PRO A 182 -7.56 12.34 -0.51
CA PRO A 182 -7.22 13.74 -0.23
C PRO A 182 -8.42 14.68 -0.38
N PRO A 183 -8.33 15.88 0.21
CA PRO A 183 -9.43 16.85 0.15
C PRO A 183 -9.83 17.22 -1.27
N GLU A 184 -8.88 17.32 -2.18
CA GLU A 184 -9.17 17.67 -3.58
C GLU A 184 -10.04 16.61 -4.26
N TRP A 185 -9.95 15.35 -3.82
CA TRP A 185 -10.86 14.34 -4.33
C TRP A 185 -12.26 14.51 -3.75
N ILE A 186 -12.34 14.66 -2.44
CA ILE A 186 -13.62 14.84 -1.75
C ILE A 186 -14.42 16.01 -2.36
N ARG A 187 -13.73 17.12 -2.63
CA ARG A 187 -14.36 18.35 -3.13
C ARG A 187 -14.64 18.31 -4.63
N TYR A 188 -13.58 18.12 -5.42
CA TYR A 188 -13.63 18.36 -6.86
C TYR A 188 -13.58 17.09 -7.70
N HIS A 189 -13.54 15.94 -7.04
CA HIS A 189 -13.35 14.65 -7.74
C HIS A 189 -12.18 14.68 -8.72
N ARG A 190 -11.13 15.40 -8.33
CA ARG A 190 -9.92 15.54 -9.14
C ARG A 190 -8.68 15.45 -8.22
N TYR A 191 -7.63 14.81 -8.69
CA TYR A 191 -6.36 14.77 -7.96
C TYR A 191 -5.22 14.43 -8.91
N HIS A 192 -4.00 14.74 -8.49
CA HIS A 192 -2.81 14.30 -9.21
C HIS A 192 -2.18 13.16 -8.44
N GLY A 193 -1.48 12.27 -9.14
CA GLY A 193 -1.03 11.02 -8.56
C GLY A 193 -0.12 11.10 -7.34
N ARG A 194 1.02 11.75 -7.51
CA ARG A 194 2.04 11.80 -6.47
C ARG A 194 1.57 12.53 -5.21
N SER A 195 0.94 13.68 -5.39
CA SER A 195 0.48 14.46 -4.24
C SER A 195 -0.66 13.76 -3.50
N ALA A 196 -1.50 13.04 -4.24
CA ALA A 196 -2.55 12.23 -3.60
C ALA A 196 -1.93 11.06 -2.82
N ALA A 197 -0.89 10.46 -3.39
CA ALA A 197 -0.16 9.39 -2.69
C ALA A 197 0.46 9.92 -1.40
N VAL A 198 1.07 11.09 -1.46
CA VAL A 198 1.71 11.70 -0.30
C VAL A 198 0.68 11.96 0.81
N TRP A 199 -0.52 12.38 0.42
CA TRP A 199 -1.60 12.57 1.39
C TRP A 199 -1.91 11.25 2.11
N SER A 200 -2.07 10.17 1.35
CA SER A 200 -2.36 8.88 1.96
C SER A 200 -1.21 8.43 2.86
N LEU A 201 0.02 8.81 2.49
CA LEU A 201 1.18 8.48 3.32
C LEU A 201 1.14 9.23 4.64
N GLY A 202 0.69 10.47 4.61
CA GLY A 202 0.46 11.23 5.83
C GLY A 202 -0.57 10.56 6.73
N ILE A 203 -1.67 10.11 6.15
CA ILE A 203 -2.69 9.37 6.91
C ILE A 203 -2.07 8.12 7.53
N LEU A 204 -1.30 7.39 6.72
CA LEU A 204 -0.64 6.17 7.17
C LEU A 204 0.30 6.43 8.34
N LEU A 205 1.12 7.47 8.22
CA LEU A 205 2.09 7.78 9.27
C LEU A 205 1.38 8.19 10.57
N TYR A 206 0.31 8.99 10.46
CA TYR A 206 -0.48 9.33 11.63
C TYR A 206 -1.01 8.04 12.25
N ASP A 207 -1.54 7.18 11.40
CA ASP A 207 -2.10 5.91 11.85
C ASP A 207 -1.10 5.08 12.65
N MET A 208 0.14 5.04 12.17
CA MET A 208 1.19 4.28 12.85
C MET A 208 1.53 4.84 14.22
N VAL A 209 1.67 6.16 14.33
CA VAL A 209 2.15 6.72 15.59
C VAL A 209 1.02 7.04 16.58
N CYS A 210 -0.22 7.09 16.10
CA CYS A 210 -1.35 7.38 16.97
C CYS A 210 -2.24 6.17 17.22
N GLY A 211 -2.13 5.15 16.37
CA GLY A 211 -2.90 3.93 16.55
C GLY A 211 -4.27 3.98 15.91
N ASP A 212 -4.55 5.08 15.21
CA ASP A 212 -5.80 5.22 14.46
C ASP A 212 -5.65 6.32 13.41
N ILE A 213 -6.59 6.39 12.46
CA ILE A 213 -6.54 7.41 11.41
C ILE A 213 -7.01 8.76 11.98
N PRO A 214 -6.58 9.88 11.35
CA PRO A 214 -6.92 11.19 11.93
C PRO A 214 -8.31 11.72 11.53
N PHE A 215 -8.83 11.27 10.40
CA PHE A 215 -10.11 11.79 9.90
C PHE A 215 -11.10 10.66 9.63
N GLU A 216 -12.36 10.86 10.02
CA GLU A 216 -13.41 9.89 9.72
C GLU A 216 -14.40 10.41 8.69
N HIS A 217 -14.74 11.69 8.79
CA HIS A 217 -15.77 12.29 7.94
C HIS A 217 -15.18 13.24 6.90
N ASP A 218 -15.90 13.40 5.79
CA ASP A 218 -15.46 14.26 4.69
C ASP A 218 -15.09 15.67 5.15
N GLU A 219 -15.87 16.21 6.08
CA GLU A 219 -15.68 17.56 6.59
C GLU A 219 -14.37 17.71 7.36
N GLU A 220 -13.97 16.67 8.08
CA GLU A 220 -12.67 16.67 8.76
C GLU A 220 -11.53 16.64 7.76
N ILE A 221 -11.70 15.87 6.68
CA ILE A 221 -10.69 15.80 5.62
C ILE A 221 -10.47 17.17 4.97
N ILE A 222 -11.56 17.85 4.60
CA ILE A 222 -11.42 19.14 3.92
C ILE A 222 -10.98 20.25 4.86
N ARG A 223 -11.29 20.12 6.15
CA ARG A 223 -10.78 21.07 7.15
C ARG A 223 -9.27 20.86 7.35
N GLY A 224 -8.84 19.60 7.33
CA GLY A 224 -7.41 19.27 7.37
C GLY A 224 -6.67 19.66 8.64
N GLN A 225 -7.40 19.84 9.74
CA GLN A 225 -6.75 20.11 11.01
C GLN A 225 -6.42 18.80 11.70
N VAL A 226 -5.16 18.64 12.08
CA VAL A 226 -4.71 17.39 12.67
C VAL A 226 -4.62 17.50 14.19
N PHE A 227 -5.42 16.69 14.89
CA PHE A 227 -5.32 16.58 16.34
C PHE A 227 -4.57 15.30 16.71
N PHE A 228 -3.56 15.43 17.57
CA PHE A 228 -2.83 14.26 18.05
C PHE A 228 -3.36 13.70 19.36
N ARG A 229 -3.76 12.44 19.33
CA ARG A 229 -4.36 11.77 20.49
C ARG A 229 -3.32 10.99 21.28
N GLN A 230 -2.11 10.92 20.75
CA GLN A 230 -0.99 10.28 21.44
C GLN A 230 0.19 11.25 21.51
N ARG A 231 1.13 10.98 22.41
CA ARG A 231 2.36 11.76 22.44
C ARG A 231 3.15 11.45 21.18
N VAL A 232 3.40 12.49 20.38
CA VAL A 232 4.18 12.34 19.16
C VAL A 232 5.20 13.47 19.11
N SER A 233 6.45 13.14 18.76
CA SER A 233 7.51 14.14 18.70
C SER A 233 7.15 15.26 17.73
N SER A 234 7.71 16.44 17.96
CA SER A 234 7.42 17.61 17.13
C SER A 234 7.82 17.40 15.68
N GLU A 235 8.93 16.67 15.48
CA GLU A 235 9.42 16.43 14.13
C GLU A 235 8.46 15.55 13.37
N CYS A 236 7.96 14.51 14.03
CA CYS A 236 7.01 13.59 13.38
C CYS A 236 5.71 14.32 13.07
N GLN A 237 5.22 15.09 14.03
CA GLN A 237 4.01 15.91 13.83
C GLN A 237 4.17 16.81 12.62
N HIS A 238 5.36 17.41 12.51
CA HIS A 238 5.65 18.30 11.40
C HIS A 238 5.59 17.57 10.05
N LEU A 239 6.22 16.39 9.99
CA LEU A 239 6.21 15.60 8.76
C LEU A 239 4.78 15.22 8.40
N ILE A 240 4.00 14.80 9.40
CA ILE A 240 2.61 14.42 9.16
C ILE A 240 1.80 15.60 8.61
N ARG A 241 1.92 16.76 9.26
CA ARG A 241 1.14 17.93 8.84
C ARG A 241 1.54 18.43 7.46
N TRP A 242 2.80 18.20 7.10
CA TRP A 242 3.31 18.58 5.79
C TRP A 242 2.68 17.68 4.72
N CYS A 243 2.72 16.37 4.95
CA CYS A 243 2.08 15.41 4.04
C CYS A 243 0.59 15.68 3.87
N LEU A 244 -0.04 16.23 4.91
CA LEU A 244 -1.48 16.49 4.90
C LEU A 244 -1.80 17.96 4.63
N ALA A 245 -0.91 18.66 3.94
CA ALA A 245 -1.20 20.03 3.53
C ALA A 245 -2.45 20.04 2.66
N LEU A 246 -3.33 21.01 2.89
CA LEU A 246 -4.58 21.11 2.14
C LEU A 246 -4.32 21.31 0.66
N ARG A 247 -3.36 22.18 0.33
CA ARG A 247 -3.00 22.41 -1.06
C ARG A 247 -1.99 21.36 -1.50
N PRO A 248 -2.35 20.58 -2.54
CA PRO A 248 -1.52 19.48 -3.06
C PRO A 248 -0.07 19.89 -3.30
N SER A 249 0.13 21.06 -3.91
CA SER A 249 1.48 21.52 -4.24
C SER A 249 2.29 21.91 -3.01
N ASP A 250 1.60 22.13 -1.88
CA ASP A 250 2.29 22.39 -0.62
C ASP A 250 2.85 21.12 0.00
N ARG A 251 2.43 19.96 -0.49
CA ARG A 251 2.89 18.69 0.05
C ARG A 251 4.31 18.37 -0.39
N PRO A 252 5.05 17.63 0.44
CA PRO A 252 6.44 17.29 0.11
C PRO A 252 6.53 16.25 -1.02
N THR A 253 7.65 16.24 -1.72
CA THR A 253 7.99 15.18 -2.65
C THR A 253 8.51 14.01 -1.84
N PHE A 254 8.66 12.85 -2.49
CA PHE A 254 9.19 11.68 -1.80
C PHE A 254 10.58 11.96 -1.24
N GLU A 255 11.38 12.70 -2.00
CA GLU A 255 12.73 13.05 -1.59
C GLU A 255 12.71 13.93 -0.34
N GLU A 256 11.82 14.92 -0.33
CA GLU A 256 11.67 15.79 0.83
C GLU A 256 11.20 14.99 2.06
N ILE A 257 10.33 14.01 1.85
CA ILE A 257 9.91 13.16 2.96
C ILE A 257 11.10 12.39 3.53
N GLN A 258 11.85 11.71 2.66
CA GLN A 258 12.97 10.88 3.10
C GLN A 258 14.17 11.68 3.64
N ASN A 259 14.28 12.95 3.25
CA ASN A 259 15.32 13.81 3.79
C ASN A 259 14.86 14.59 5.03
N HIS A 260 13.61 14.39 5.44
CA HIS A 260 13.10 15.02 6.66
C HIS A 260 13.86 14.51 7.87
N PRO A 261 14.15 15.41 8.82
CA PRO A 261 14.91 15.07 10.04
C PRO A 261 14.31 13.89 10.81
N TRP A 262 12.99 13.74 10.82
CA TRP A 262 12.40 12.62 11.55
C TRP A 262 12.78 11.27 10.92
N MET A 263 13.11 11.30 9.64
CA MET A 263 13.37 10.08 8.88
C MET A 263 14.82 9.58 8.95
N GLN A 264 15.67 10.31 9.67
CA GLN A 264 17.10 9.99 9.81
CA GLN A 264 17.07 9.92 9.70
C GLN A 264 17.36 8.74 10.65
N ASP A 265 18.47 8.07 10.37
CA ASP A 265 18.93 6.93 11.17
C ASP A 265 17.93 5.79 11.24
N VAL A 266 17.29 5.48 10.11
CA VAL A 266 16.33 4.39 10.06
C VAL A 266 17.00 3.06 10.41
N LEU A 267 16.28 2.19 11.11
CA LEU A 267 16.80 0.85 11.40
C LEU A 267 16.76 0.01 10.14
N LEU A 268 17.64 -0.99 10.08
CA LEU A 268 17.56 -2.02 9.04
C LEU A 268 16.37 -2.93 9.36
N PRO A 269 15.82 -3.60 8.31
CA PRO A 269 14.68 -4.49 8.54
C PRO A 269 14.94 -5.58 9.57
N GLN A 270 16.09 -6.25 9.47
CA GLN A 270 16.41 -7.31 10.42
C GLN A 270 16.59 -6.78 11.84
N GLU A 271 17.24 -5.62 11.96
CA GLU A 271 17.34 -4.91 13.24
C GLU A 271 15.95 -4.63 13.79
N THR A 272 15.08 -4.15 12.91
CA THR A 272 13.70 -3.85 13.27
C THR A 272 13.01 -5.10 13.81
N ALA A 273 13.24 -6.22 13.13
CA ALA A 273 12.62 -7.47 13.55
C ALA A 273 13.15 -7.90 14.91
N GLU A 274 14.46 -7.77 15.10
CA GLU A 274 15.12 -8.17 16.35
C GLU A 274 14.63 -7.39 17.56
N ILE A 275 14.60 -6.08 17.44
CA ILE A 275 14.19 -5.19 18.53
C ILE A 275 12.68 -5.22 18.76
N HIS A 276 11.90 -5.23 17.67
CA HIS A 276 10.47 -4.94 17.78
C HIS A 276 9.53 -6.11 17.50
N LEU A 277 10.00 -7.12 16.81
CA LEU A 277 9.13 -8.21 16.38
C LEU A 277 9.47 -9.56 17.03
N HIS A 278 10.70 -9.70 17.51
CA HIS A 278 11.14 -10.94 18.16
C HIS A 278 11.06 -10.81 19.68
C1 GOL B . -7.24 0.80 13.98
O1 GOL B . -7.41 1.66 15.09
C2 GOL B . -6.10 1.34 13.11
O2 GOL B . -6.66 2.09 12.04
C3 GOL B . -5.30 0.17 12.56
O3 GOL B . -4.23 0.65 11.76
P PO4 C . 9.90 17.60 21.19
O1 PO4 C . 9.93 17.08 22.61
O2 PO4 C . 9.47 19.04 21.19
O3 PO4 C . 8.94 16.80 20.34
O4 PO4 C . 11.29 17.47 20.58
C15 8GX D . -4.87 -8.88 2.73
C17 8GX D . -3.89 -9.58 -1.64
C20 8GX D . -0.49 -11.20 -2.00
C22 8GX D . -0.49 -12.20 0.03
C24 8GX D . -2.56 -11.48 1.02
C28 8GX D . -4.83 -8.68 -2.39
C01 8GX D . -10.17 -8.26 1.35
O02 8GX D . -8.99 -9.06 1.38
C03 8GX D . -8.00 -8.90 0.40
C04 8GX D . -8.23 -8.10 -0.72
C05 8GX D . -7.24 -7.97 -1.71
C06 8GX D . -6.04 -8.62 -1.55
C07 8GX D . -5.81 -9.44 -0.40
C08 8GX D . -6.77 -9.60 0.62
C09 8GX D . -6.61 -10.47 1.87
N10 8GX D . -6.04 -9.70 3.08
C11 8GX D . -7.03 -8.80 3.78
C12 8GX D . -6.42 -8.22 5.09
N13 8GX D . -5.15 -7.41 4.75
C14 8GX D . -4.19 -8.29 3.99
O16 8GX D . -4.54 -10.00 -0.46
C18 8GX D . -2.66 -9.92 -2.04
C19 8GX D . -1.68 -10.80 -1.40
N21 8GX D . 0.24 -12.04 -1.16
C23 8GX D . -1.70 -11.44 -0.09
C25 8GX D . -2.18 -12.23 2.11
N26 8GX D . -1.02 -12.96 2.21
C27 8GX D . -0.17 -12.94 1.17
O29 8GX D . -4.63 -8.12 -3.46
#